data_1N0W
#
_entry.id   1N0W
#
_cell.length_a   57.30
_cell.length_b   59.14
_cell.length_c   77.20
_cell.angle_alpha   90
_cell.angle_beta   90
_cell.angle_gamma   90
#
_symmetry.space_group_name_H-M   'P 21 21 21'
#
loop_
_entity.id
_entity.type
_entity.pdbx_description
1 polymer 'DNA repair protein RAD51 homolog 1'
2 polymer 'Breast cancer type 2 susceptibility protein'
3 polymer 'peptide linker'
4 polymer 'ARTIFICIAL GLY-SER-MSE-GLY PEPTIDE'
5 non-polymer 'MAGNESIUM ION'
6 non-polymer 'CHLORIDE ION'
7 non-polymer 1,2-ETHANEDIOL
8 water water
#
loop_
_entity_poly.entity_id
_entity_poly.type
_entity_poly.pdbx_seq_one_letter_code
_entity_poly.pdbx_strand_id
1 'polypeptide(L)'
;SEIIQITTGSKELDKLLQGGIETGSITE(MSE)FGEFRTGKTQICHTLAVTCQLPIDRGGGEGKA(MSE)YIDTEGTFRP
ERLLAVAERYGLSGSDVLDNVAYARAFNTDHQTQLLYQASA(MSE)(MSE)VESRYALLIVDSATALYRTDYSGRGELSA
RQ(MSE)HLARFLR(MSE)LLRLADEFGVAVVITNQVVAQVDGAA(MSE)FAADPKKPIGGNIIAHASTTRLYLRKGRGE
TRICKIYDSPCLPEAEA(MSE)FAINADGVGDAKD
;
A
2 'polypeptide(L)' KEPTLLGFHTASGKKVKIAKESLDKVKNLFDEKEQ B
3 'polypeptide(L)' TGSTGSTGSTGS(MSE)G L
4 'polypeptide(L)' GS(MSE)G C
#
# COMPACT_ATOMS: atom_id res chain seq x y z
N GLU A 2 8.10 5.06 16.67
CA GLU A 2 8.87 5.95 15.75
C GLU A 2 8.55 5.66 14.28
N ILE A 3 8.56 6.72 13.48
CA ILE A 3 8.25 6.63 12.06
C ILE A 3 9.39 6.21 11.15
N ILE A 4 9.05 5.40 10.16
CA ILE A 4 10.01 4.94 9.16
C ILE A 4 9.53 5.52 7.84
N GLN A 5 10.46 5.98 7.02
CA GLN A 5 10.09 6.55 5.73
C GLN A 5 10.65 5.64 4.65
N ILE A 6 9.75 5.03 3.87
CA ILE A 6 10.13 4.09 2.83
C ILE A 6 10.41 4.80 1.50
N THR A 7 11.56 4.53 0.92
CA THR A 7 11.92 5.17 -0.34
C THR A 7 11.00 4.77 -1.50
N THR A 8 10.69 5.76 -2.34
CA THR A 8 9.83 5.55 -3.51
C THR A 8 10.65 5.13 -4.72
N GLY A 9 11.98 5.23 -4.60
CA GLY A 9 12.85 4.89 -5.72
C GLY A 9 13.34 6.16 -6.40
N SER A 10 12.68 7.28 -6.09
CA SER A 10 13.04 8.57 -6.65
C SER A 10 13.54 9.53 -5.56
N LYS A 11 14.75 10.06 -5.74
CA LYS A 11 15.31 10.99 -4.75
C LYS A 11 14.46 12.25 -4.65
N GLU A 12 14.02 12.76 -5.80
CA GLU A 12 13.19 13.97 -5.81
C GLU A 12 11.84 13.75 -5.16
N LEU A 13 11.23 12.59 -5.44
CA LEU A 13 9.94 12.30 -4.86
C LEU A 13 10.10 12.09 -3.35
N ASP A 14 11.19 11.43 -2.95
CA ASP A 14 11.46 11.22 -1.53
C ASP A 14 11.61 12.56 -0.82
N LYS A 15 12.32 13.50 -1.44
CA LYS A 15 12.50 14.82 -0.84
C LYS A 15 11.17 15.52 -0.65
N LEU A 16 10.30 15.43 -1.66
CA LEU A 16 8.99 16.06 -1.59
C LEU A 16 8.19 15.46 -0.43
N LEU A 17 8.40 14.17 -0.19
CA LEU A 17 7.72 13.45 0.88
C LEU A 17 8.47 13.50 2.20
N GLN A 18 9.47 14.39 2.29
CA GLN A 18 10.24 14.54 3.51
C GLN A 18 10.96 13.27 3.94
N GLY A 19 11.36 12.45 2.98
CA GLY A 19 12.06 11.22 3.30
C GLY A 19 11.52 10.02 2.55
N GLY A 20 10.21 9.99 2.36
CA GLY A 20 9.59 8.87 1.66
C GLY A 20 8.20 8.58 2.20
N ILE A 21 7.66 7.42 1.88
CA ILE A 21 6.33 7.03 2.35
C ILE A 21 6.39 6.72 3.85
N GLU A 22 5.54 7.40 4.60
CA GLU A 22 5.50 7.29 6.05
C GLU A 22 4.72 6.12 6.66
N THR A 23 5.36 5.36 7.54
CA THR A 23 4.66 4.26 8.21
C THR A 23 3.78 4.91 9.29
N GLY A 24 2.66 4.27 9.61
CA GLY A 24 1.78 4.80 10.64
C GLY A 24 0.67 5.73 10.16
N SER A 25 0.63 6.00 8.86
CA SER A 25 -0.40 6.87 8.31
C SER A 25 -0.73 6.44 6.88
N ILE A 26 -1.74 7.10 6.32
CA ILE A 26 -2.18 6.80 4.96
C ILE A 26 -1.65 7.80 3.96
N THR A 27 -1.18 7.29 2.82
CA THR A 27 -0.72 8.14 1.73
C THR A 27 -1.75 7.82 0.65
N GLU A 28 -2.50 8.84 0.21
CA GLU A 28 -3.53 8.65 -0.80
C GLU A 28 -3.06 9.29 -2.11
N PHE A 30 -3.75 10.20 -6.08
CA PHE A 30 -4.77 10.42 -7.09
C PHE A 30 -4.20 10.37 -8.50
N GLY A 31 -4.92 9.67 -9.38
CA GLY A 31 -4.50 9.54 -10.77
C GLY A 31 -4.94 8.22 -11.37
N GLU A 32 -5.10 8.21 -12.70
CA GLU A 32 -5.51 7.00 -13.40
C GLU A 32 -4.31 6.08 -13.62
N PHE A 33 -4.59 4.84 -14.03
CA PHE A 33 -3.51 3.90 -14.30
C PHE A 33 -2.59 4.56 -15.31
N ARG A 34 -1.29 4.39 -15.12
CA ARG A 34 -0.25 4.95 -15.98
C ARG A 34 0.27 6.33 -15.56
N THR A 35 -0.41 6.98 -14.62
CA THR A 35 0.07 8.28 -14.15
C THR A 35 1.22 8.01 -13.19
N GLY A 36 1.38 6.74 -12.84
CA GLY A 36 2.45 6.34 -11.94
C GLY A 36 1.99 5.73 -10.64
N LYS A 37 0.71 5.90 -10.29
CA LYS A 37 0.19 5.36 -9.04
C LYS A 37 0.44 3.86 -8.84
N THR A 38 0.17 3.05 -9.85
CA THR A 38 0.37 1.61 -9.72
C THR A 38 1.86 1.26 -9.75
N GLN A 39 2.65 2.04 -10.49
CA GLN A 39 4.09 1.79 -10.58
C GLN A 39 4.73 2.08 -9.22
N ILE A 40 4.27 3.16 -8.58
CA ILE A 40 4.79 3.51 -7.26
C ILE A 40 4.45 2.38 -6.29
N CYS A 41 3.23 1.86 -6.37
CA CYS A 41 2.82 0.77 -5.49
C CYS A 41 3.71 -0.46 -5.66
N HIS A 42 4.01 -0.82 -6.91
CA HIS A 42 4.85 -1.98 -7.15
C HIS A 42 6.27 -1.74 -6.63
N THR A 43 6.78 -0.53 -6.81
CA THR A 43 8.13 -0.23 -6.33
C THR A 43 8.20 -0.33 -4.82
N LEU A 44 7.22 0.27 -4.14
CA LEU A 44 7.16 0.25 -2.68
C LEU A 44 7.02 -1.16 -2.11
N ALA A 45 6.36 -2.04 -2.86
CA ALA A 45 6.16 -3.42 -2.39
C ALA A 45 7.51 -4.13 -2.28
N VAL A 46 8.52 -3.59 -2.95
CA VAL A 46 9.86 -4.15 -2.89
C VAL A 46 10.76 -3.34 -1.97
N THR A 47 10.78 -2.02 -2.13
CA THR A 47 11.64 -1.19 -1.29
C THR A 47 11.30 -1.24 0.19
N CYS A 48 10.05 -1.59 0.52
CA CYS A 48 9.68 -1.66 1.93
C CYS A 48 10.42 -2.82 2.59
N GLN A 49 10.96 -3.73 1.78
CA GLN A 49 11.68 -4.90 2.29
C GLN A 49 13.16 -4.63 2.54
N LEU A 50 13.64 -3.49 2.06
CA LEU A 50 15.04 -3.11 2.23
C LEU A 50 15.42 -2.80 3.67
N PRO A 51 16.73 -2.89 3.97
CA PRO A 51 17.21 -2.59 5.32
C PRO A 51 16.84 -1.12 5.56
N ILE A 52 16.61 -0.74 6.81
CA ILE A 52 16.24 0.63 7.09
C ILE A 52 17.28 1.63 6.59
N ASP A 53 18.57 1.29 6.68
CA ASP A 53 19.60 2.20 6.22
C ASP A 53 19.61 2.42 4.70
N ARG A 54 18.92 1.56 3.96
CA ARG A 54 18.85 1.71 2.50
C ARG A 54 17.52 2.35 2.10
N GLY A 55 16.75 2.78 3.09
CA GLY A 55 15.48 3.42 2.82
C GLY A 55 14.27 2.49 2.89
N GLY A 56 14.47 1.31 3.46
CA GLY A 56 13.36 0.37 3.56
C GLY A 56 12.67 0.34 4.91
N GLY A 57 11.75 -0.59 5.06
CA GLY A 57 11.03 -0.73 6.31
C GLY A 57 11.28 -2.10 6.94
N GLU A 58 12.17 -2.87 6.32
CA GLU A 58 12.51 -4.21 6.80
C GLU A 58 11.24 -5.02 7.11
N GLY A 59 10.28 -4.96 6.20
CA GLY A 59 9.05 -5.70 6.41
C GLY A 59 8.40 -6.18 5.13
N LYS A 60 7.41 -7.05 5.28
CA LYS A 60 6.67 -7.60 4.15
C LYS A 60 5.69 -6.57 3.61
N ALA A 61 5.19 -6.84 2.41
CA ALA A 61 4.20 -5.96 1.81
C ALA A 61 2.91 -6.71 1.54
N TYR A 63 -0.56 -6.38 -0.77
CA TYR A 63 -1.09 -5.68 -1.94
C TYR A 63 -2.51 -6.11 -2.28
N ILE A 64 -3.48 -5.24 -2.03
CA ILE A 64 -4.87 -5.52 -2.38
C ILE A 64 -5.14 -4.80 -3.70
N ASP A 65 -5.38 -5.59 -4.74
CA ASP A 65 -5.63 -5.05 -6.08
C ASP A 65 -7.11 -5.14 -6.41
N THR A 66 -7.61 -4.16 -7.17
CA THR A 66 -9.01 -4.17 -7.57
C THR A 66 -9.08 -3.94 -9.07
N GLU A 67 -7.93 -3.64 -9.67
CA GLU A 67 -7.83 -3.33 -11.09
C GLU A 67 -7.30 -4.42 -12.01
N GLY A 68 -6.70 -5.46 -11.44
CA GLY A 68 -6.15 -6.53 -12.25
C GLY A 68 -4.83 -6.11 -12.86
N THR A 69 -4.13 -5.19 -12.19
CA THR A 69 -2.85 -4.70 -12.69
C THR A 69 -1.65 -5.07 -11.82
N PHE A 70 -1.82 -6.08 -10.98
CA PHE A 70 -0.71 -6.54 -10.14
C PHE A 70 0.18 -7.40 -11.04
N ARG A 71 1.47 -7.12 -11.06
CA ARG A 71 2.39 -7.87 -11.91
C ARG A 71 3.66 -8.32 -11.18
N PRO A 72 3.73 -9.60 -10.80
CA PRO A 72 4.90 -10.15 -10.12
C PRO A 72 6.21 -9.88 -10.87
N GLU A 73 6.16 -9.89 -12.20
CA GLU A 73 7.38 -9.66 -12.97
C GLU A 73 7.98 -8.28 -12.71
N ARG A 74 7.14 -7.30 -12.43
CA ARG A 74 7.63 -5.95 -12.14
C ARG A 74 8.40 -5.98 -10.83
N LEU A 75 7.90 -6.74 -9.86
CA LEU A 75 8.56 -6.84 -8.56
C LEU A 75 9.96 -7.46 -8.74
N LEU A 76 10.07 -8.45 -9.62
CA LEU A 76 11.35 -9.09 -9.87
C LEU A 76 12.35 -8.10 -10.44
N ALA A 77 11.90 -7.21 -11.32
CA ALA A 77 12.78 -6.22 -11.92
C ALA A 77 13.26 -5.23 -10.86
N VAL A 78 12.36 -4.80 -9.98
CA VAL A 78 12.74 -3.87 -8.93
C VAL A 78 13.70 -4.56 -7.97
N ALA A 79 13.45 -5.84 -7.67
CA ALA A 79 14.32 -6.58 -6.77
C ALA A 79 15.74 -6.63 -7.32
N GLU A 80 15.87 -6.92 -8.61
CA GLU A 80 17.19 -7.00 -9.23
C GLU A 80 17.90 -5.65 -9.13
N ARG A 81 17.16 -4.59 -9.38
CA ARG A 81 17.70 -3.24 -9.31
C ARG A 81 18.31 -2.95 -7.93
N TYR A 82 17.65 -3.41 -6.88
CA TYR A 82 18.13 -3.18 -5.52
C TYR A 82 19.02 -4.28 -4.95
N GLY A 83 19.37 -5.24 -5.79
CA GLY A 83 20.23 -6.33 -5.36
C GLY A 83 19.62 -7.25 -4.32
N LEU A 84 18.30 -7.38 -4.37
CA LEU A 84 17.59 -8.26 -3.43
C LEU A 84 17.23 -9.56 -4.11
N SER A 85 17.06 -10.62 -3.32
CA SER A 85 16.68 -11.92 -3.83
C SER A 85 15.29 -11.82 -4.43
N GLY A 86 15.17 -12.11 -5.72
CA GLY A 86 13.88 -12.05 -6.38
C GLY A 86 12.89 -13.02 -5.77
N SER A 87 13.36 -14.21 -5.44
CA SER A 87 12.50 -15.23 -4.84
C SER A 87 12.01 -14.80 -3.47
N ASP A 88 12.91 -14.26 -2.65
CA ASP A 88 12.51 -13.78 -1.32
C ASP A 88 11.50 -12.64 -1.46
N VAL A 89 11.77 -11.72 -2.38
CA VAL A 89 10.88 -10.58 -2.58
C VAL A 89 9.46 -11.04 -2.92
N LEU A 90 9.34 -12.01 -3.81
CA LEU A 90 8.01 -12.49 -4.16
C LEU A 90 7.34 -13.19 -2.98
N ASP A 91 8.11 -13.95 -2.22
CA ASP A 91 7.54 -14.65 -1.06
C ASP A 91 7.12 -13.68 0.03
N ASN A 92 7.67 -12.46 -0.01
CA ASN A 92 7.35 -11.46 0.99
C ASN A 92 6.28 -10.44 0.60
N VAL A 93 5.63 -10.66 -0.53
CA VAL A 93 4.55 -9.77 -0.95
C VAL A 93 3.28 -10.61 -0.97
N ALA A 94 2.33 -10.30 -0.11
CA ALA A 94 1.07 -11.03 -0.06
C ALA A 94 0.09 -10.24 -0.93
N TYR A 95 -0.57 -10.95 -1.83
CA TYR A 95 -1.48 -10.33 -2.79
C TYR A 95 -2.89 -10.90 -2.75
N ALA A 96 -3.86 -10.02 -2.97
CA ALA A 96 -5.26 -10.44 -3.03
C ALA A 96 -5.97 -9.51 -3.99
N ARG A 97 -6.95 -10.04 -4.72
CA ARG A 97 -7.71 -9.20 -5.61
C ARG A 97 -9.12 -9.15 -5.04
N ALA A 98 -9.58 -7.94 -4.73
CA ALA A 98 -10.91 -7.76 -4.17
C ALA A 98 -11.94 -7.92 -5.30
N PHE A 99 -12.94 -8.76 -5.06
CA PHE A 99 -13.98 -9.03 -6.04
C PHE A 99 -15.13 -8.03 -6.00
N ASN A 100 -15.38 -7.47 -4.82
CA ASN A 100 -16.44 -6.47 -4.64
C ASN A 100 -16.13 -5.69 -3.37
N THR A 101 -16.95 -4.69 -3.07
CA THR A 101 -16.71 -3.88 -1.88
C THR A 101 -16.80 -4.61 -0.55
N ASP A 102 -17.65 -5.64 -0.46
CA ASP A 102 -17.75 -6.39 0.79
C ASP A 102 -16.45 -7.16 0.98
N HIS A 103 -15.97 -7.78 -0.10
CA HIS A 103 -14.75 -8.56 -0.05
C HIS A 103 -13.57 -7.65 0.29
N GLN A 104 -13.59 -6.46 -0.29
CA GLN A 104 -12.52 -5.47 -0.06
C GLN A 104 -12.36 -5.20 1.43
N THR A 105 -13.47 -5.05 2.13
CA THR A 105 -13.45 -4.79 3.56
C THR A 105 -13.09 -6.06 4.34
N GLN A 106 -13.62 -7.20 3.89
CA GLN A 106 -13.35 -8.46 4.57
C GLN A 106 -11.86 -8.78 4.57
N LEU A 107 -11.17 -8.39 3.50
CA LEU A 107 -9.74 -8.65 3.39
C LEU A 107 -8.94 -7.97 4.51
N LEU A 108 -9.47 -6.89 5.06
CA LEU A 108 -8.77 -6.19 6.14
C LEU A 108 -8.72 -7.03 7.41
N TYR A 109 -9.69 -7.92 7.59
CA TYR A 109 -9.70 -8.78 8.76
C TYR A 109 -8.58 -9.80 8.61
N GLN A 110 -8.44 -10.35 7.41
CA GLN A 110 -7.38 -11.31 7.15
C GLN A 110 -6.05 -10.58 7.30
N ALA A 111 -5.99 -9.37 6.77
CA ALA A 111 -4.79 -8.56 6.84
C ALA A 111 -4.32 -8.39 8.29
N SER A 112 -5.26 -8.06 9.17
N SER A 112 -5.26 -8.06 9.17
CA SER A 112 -4.93 -7.84 10.58
CA SER A 112 -4.93 -7.85 10.57
C SER A 112 -4.37 -9.10 11.23
C SER A 112 -4.36 -9.10 11.21
N ALA A 113 -4.94 -10.25 10.88
CA ALA A 113 -4.48 -11.52 11.43
C ALA A 113 -3.06 -11.81 10.94
N VAL A 116 -0.35 -9.83 12.73
CA VAL A 116 -0.08 -10.28 14.09
C VAL A 116 1.02 -11.35 14.04
N GLU A 117 0.98 -12.16 12.98
CA GLU A 117 1.91 -13.27 12.80
C GLU A 117 3.29 -12.93 12.23
N SER A 118 3.34 -11.99 11.28
CA SER A 118 4.61 -11.61 10.65
C SER A 118 4.75 -10.11 10.59
N ARG A 119 5.98 -9.62 10.44
CA ARG A 119 6.20 -8.18 10.36
C ARG A 119 5.98 -7.63 8.96
N TYR A 120 4.99 -6.74 8.86
CA TYR A 120 4.69 -6.07 7.61
C TYR A 120 5.07 -4.61 7.76
N ALA A 121 5.46 -3.99 6.66
CA ALA A 121 5.83 -2.58 6.70
C ALA A 121 4.88 -1.78 5.82
N LEU A 122 4.17 -2.47 4.94
CA LEU A 122 3.30 -1.78 3.99
C LEU A 122 2.02 -2.49 3.56
N LEU A 123 0.94 -1.71 3.45
CA LEU A 123 -0.33 -2.23 2.95
C LEU A 123 -0.74 -1.32 1.80
N ILE A 124 -0.95 -1.92 0.64
N ILE A 124 -0.94 -1.91 0.63
CA ILE A 124 -1.37 -1.19 -0.56
CA ILE A 124 -1.35 -1.20 -0.57
C ILE A 124 -2.79 -1.56 -0.95
C ILE A 124 -2.79 -1.55 -0.91
N VAL A 125 -3.59 -0.55 -1.29
CA VAL A 125 -4.96 -0.77 -1.72
C VAL A 125 -5.07 0.04 -3.00
N ASP A 126 -5.01 -0.67 -4.13
CA ASP A 126 -5.06 -0.06 -5.45
C ASP A 126 -6.14 -0.76 -6.28
N SER A 127 -7.32 -0.17 -6.43
CA SER A 127 -7.72 1.13 -5.91
C SER A 127 -8.68 1.00 -4.71
N ALA A 128 -8.68 1.99 -3.82
CA ALA A 128 -9.55 1.96 -2.66
C ALA A 128 -10.98 2.35 -2.98
N THR A 129 -11.18 3.01 -4.12
CA THR A 129 -12.53 3.47 -4.47
C THR A 129 -13.13 2.92 -5.77
N ALA A 130 -12.30 2.36 -6.64
CA ALA A 130 -12.78 1.84 -7.91
C ALA A 130 -14.03 0.95 -7.83
N LEU A 131 -14.03 -0.01 -6.90
CA LEU A 131 -15.17 -0.92 -6.77
C LEU A 131 -16.46 -0.26 -6.30
N TYR A 132 -16.34 0.96 -5.77
CA TYR A 132 -17.51 1.69 -5.29
C TYR A 132 -18.20 2.46 -6.42
N ARG A 133 -17.55 2.53 -7.56
CA ARG A 133 -18.10 3.23 -8.72
C ARG A 133 -18.61 2.25 -9.77
N GLU A 141 -28.67 4.40 -1.94
CA GLU A 141 -27.66 3.62 -2.63
C GLU A 141 -26.31 4.32 -2.58
N LEU A 142 -26.26 5.53 -3.14
CA LEU A 142 -25.04 6.33 -3.15
C LEU A 142 -24.56 6.59 -1.72
N SER A 143 -25.47 7.02 -0.86
CA SER A 143 -25.14 7.30 0.52
C SER A 143 -24.70 6.03 1.24
N ALA A 144 -25.26 4.89 0.83
CA ALA A 144 -24.91 3.61 1.43
C ALA A 144 -23.45 3.29 1.11
N ARG A 145 -23.06 3.51 -0.14
CA ARG A 145 -21.70 3.26 -0.57
C ARG A 145 -20.72 4.23 0.10
N GLN A 146 -21.14 5.47 0.26
CA GLN A 146 -20.27 6.47 0.89
C GLN A 146 -19.98 6.11 2.34
N HIS A 148 -20.08 3.06 3.64
CA HIS A 148 -19.29 1.85 3.63
C HIS A 148 -17.82 2.18 3.37
N LEU A 149 -17.58 3.08 2.41
CA LEU A 149 -16.22 3.50 2.07
C LEU A 149 -15.60 4.24 3.26
N ALA A 150 -16.38 5.13 3.89
CA ALA A 150 -15.88 5.87 5.04
C ALA A 150 -15.40 4.91 6.13
N ARG A 151 -16.18 3.87 6.36
CA ARG A 151 -15.84 2.87 7.37
C ARG A 151 -14.53 2.18 6.96
N PHE A 152 -14.46 1.81 5.69
CA PHE A 152 -13.25 1.15 5.17
C PHE A 152 -12.02 2.01 5.44
N LEU A 153 -12.12 3.30 5.15
CA LEU A 153 -10.99 4.20 5.35
C LEU A 153 -10.60 4.35 6.82
N ARG A 154 -11.59 4.31 7.72
CA ARG A 154 -11.27 4.40 9.14
C ARG A 154 -10.58 3.10 9.59
N LEU A 156 -8.58 1.35 7.72
CA LEU A 156 -7.20 1.45 7.26
C LEU A 156 -6.38 2.26 8.24
N LEU A 157 -6.97 3.34 8.76
CA LEU A 157 -6.28 4.18 9.73
C LEU A 157 -6.00 3.39 11.01
N ARG A 158 -6.96 2.55 11.42
CA ARG A 158 -6.79 1.73 12.61
C ARG A 158 -5.63 0.74 12.41
N LEU A 159 -5.53 0.17 11.20
CA LEU A 159 -4.44 -0.75 10.91
C LEU A 159 -3.10 -0.02 10.99
N ALA A 160 -3.04 1.18 10.42
CA ALA A 160 -1.80 1.97 10.45
C ALA A 160 -1.42 2.30 11.89
N ASP A 161 -2.41 2.63 12.71
CA ASP A 161 -2.18 2.96 14.12
C ASP A 161 -1.71 1.75 14.91
N GLU A 162 -2.44 0.65 14.74
CA GLU A 162 -2.17 -0.58 15.46
C GLU A 162 -0.84 -1.26 15.15
N PHE A 163 -0.56 -1.43 13.86
CA PHE A 163 0.64 -2.13 13.43
C PHE A 163 1.82 -1.30 12.96
N GLY A 164 1.64 0.01 12.85
CA GLY A 164 2.72 0.86 12.42
C GLY A 164 3.14 0.66 10.98
N VAL A 165 2.20 0.22 10.15
CA VAL A 165 2.50 0.01 8.75
C VAL A 165 2.16 1.24 7.95
N ALA A 166 2.79 1.39 6.79
CA ALA A 166 2.49 2.49 5.92
C ALA A 166 1.31 1.97 5.11
N VAL A 167 0.28 2.79 4.95
CA VAL A 167 -0.88 2.40 4.16
C VAL A 167 -0.92 3.33 2.96
N VAL A 168 -0.82 2.75 1.76
CA VAL A 168 -0.85 3.52 0.54
C VAL A 168 -2.06 3.10 -0.29
N ILE A 169 -2.92 4.06 -0.61
CA ILE A 169 -4.10 3.76 -1.40
C ILE A 169 -4.15 4.67 -2.61
N THR A 170 -4.83 4.21 -3.66
CA THR A 170 -4.98 5.01 -4.85
C THR A 170 -6.44 5.38 -4.99
N ASN A 171 -6.70 6.52 -5.62
CA ASN A 171 -8.06 7.01 -5.80
C ASN A 171 -8.15 7.67 -7.16
N ALA A 197 -10.48 13.84 4.64
CA ALA A 197 -9.27 13.09 4.95
C ALA A 197 -8.78 13.40 6.35
N HIS A 198 -8.17 12.39 6.99
CA HIS A 198 -7.65 12.56 8.34
C HIS A 198 -6.44 13.49 8.29
N ALA A 199 -6.18 14.16 9.42
CA ALA A 199 -5.06 15.10 9.50
C ALA A 199 -3.72 14.46 9.14
N SER A 200 -3.57 13.17 9.43
CA SER A 200 -2.31 12.47 9.15
C SER A 200 -2.15 11.97 7.72
N THR A 201 -3.23 12.03 6.94
CA THR A 201 -3.17 11.55 5.56
C THR A 201 -2.43 12.50 4.63
N THR A 202 -1.55 11.93 3.81
CA THR A 202 -0.79 12.70 2.84
C THR A 202 -1.43 12.43 1.49
N ARG A 203 -1.84 13.48 0.79
CA ARG A 203 -2.45 13.33 -0.53
C ARG A 203 -1.51 13.74 -1.64
N LEU A 204 -1.29 12.83 -2.59
CA LEU A 204 -0.42 13.08 -3.73
C LEU A 204 -1.24 13.10 -5.01
N TYR A 205 -1.06 14.13 -5.82
CA TYR A 205 -1.78 14.25 -7.08
C TYR A 205 -0.79 14.04 -8.22
N LEU A 206 -0.93 12.92 -8.92
CA LEU A 206 -0.04 12.57 -10.01
C LEU A 206 -0.59 12.93 -11.39
N ARG A 207 0.30 13.36 -12.28
CA ARG A 207 -0.10 13.69 -13.64
C ARG A 207 1.01 13.29 -14.60
N LYS A 208 0.67 13.20 -15.87
CA LYS A 208 1.66 12.81 -16.87
C LYS A 208 2.62 13.90 -17.29
N GLY A 209 3.87 13.51 -17.47
CA GLY A 209 4.92 14.41 -17.92
C GLY A 209 5.33 13.86 -19.27
N ARG A 210 6.34 14.45 -19.90
CA ARG A 210 6.75 13.93 -21.21
C ARG A 210 7.37 12.55 -21.11
N GLY A 211 7.02 11.69 -22.08
CA GLY A 211 7.56 10.35 -22.09
C GLY A 211 7.31 9.55 -20.82
N GLU A 212 8.39 9.03 -20.24
CA GLU A 212 8.28 8.23 -19.02
C GLU A 212 8.26 9.07 -17.74
N THR A 213 8.36 10.38 -17.88
CA THR A 213 8.36 11.24 -16.69
C THR A 213 6.95 11.51 -16.19
N ARG A 214 6.84 11.73 -14.90
CA ARG A 214 5.55 12.00 -14.26
C ARG A 214 5.76 13.08 -13.22
N ILE A 215 4.68 13.75 -12.83
CA ILE A 215 4.78 14.80 -11.83
C ILE A 215 3.85 14.52 -10.66
N CYS A 216 4.36 14.74 -9.45
CA CYS A 216 3.58 14.56 -8.24
C CYS A 216 3.45 15.91 -7.57
N LYS A 217 2.22 16.26 -7.20
CA LYS A 217 1.98 17.54 -6.55
C LYS A 217 1.28 17.34 -5.22
N ILE A 218 1.69 18.12 -4.22
CA ILE A 218 1.09 18.06 -2.89
C ILE A 218 0.59 19.45 -2.54
N TYR A 219 -0.47 19.52 -1.72
CA TYR A 219 -1.06 20.80 -1.35
C TYR A 219 -0.98 21.20 0.12
N ASP A 220 -1.74 22.25 0.44
CA ASP A 220 -1.82 22.84 1.78
C ASP A 220 -0.82 22.32 2.78
N SER A 221 0.35 22.94 2.79
CA SER A 221 1.42 22.56 3.69
C SER A 221 1.97 23.82 4.35
N PRO A 222 1.88 23.91 5.69
CA PRO A 222 2.39 25.08 6.42
C PRO A 222 3.80 25.46 5.99
N CYS A 223 4.46 24.56 5.27
CA CYS A 223 5.80 24.81 4.78
C CYS A 223 5.74 25.44 3.40
N LEU A 224 4.80 24.97 2.58
CA LEU A 224 4.62 25.49 1.23
C LEU A 224 3.20 25.20 0.73
N PRO A 225 2.50 26.23 0.24
CA PRO A 225 1.14 26.05 -0.25
C PRO A 225 1.04 24.86 -1.20
N GLU A 226 1.96 24.81 -2.17
CA GLU A 226 2.00 23.73 -3.14
C GLU A 226 3.45 23.41 -3.44
N ALA A 227 3.73 22.14 -3.70
CA ALA A 227 5.08 21.70 -4.02
C ALA A 227 4.98 20.55 -5.02
N GLU A 228 5.91 20.48 -5.94
CA GLU A 228 5.90 19.43 -6.94
C GLU A 228 7.27 18.81 -7.12
N ALA A 229 7.27 17.58 -7.63
CA ALA A 229 8.50 16.87 -7.90
C ALA A 229 8.26 15.99 -9.11
N PHE A 231 9.39 12.60 -11.46
CA PHE A 231 9.97 11.28 -11.30
C PHE A 231 9.74 10.55 -12.61
N ALA A 232 10.26 9.33 -12.72
CA ALA A 232 10.09 8.57 -13.94
C ALA A 232 9.69 7.14 -13.62
N ILE A 233 8.97 6.51 -14.54
CA ILE A 233 8.59 5.12 -14.37
C ILE A 233 9.40 4.31 -15.37
N ASN A 234 10.15 3.34 -14.85
CA ASN A 234 11.00 2.50 -15.69
C ASN A 234 10.62 1.03 -15.54
N ALA A 235 11.29 0.19 -16.33
CA ALA A 235 11.05 -1.24 -16.29
C ALA A 235 11.35 -1.81 -14.92
N ASP A 236 12.30 -1.19 -14.22
CA ASP A 236 12.67 -1.65 -12.89
C ASP A 236 12.17 -0.72 -11.79
N GLY A 237 11.00 -0.12 -12.01
CA GLY A 237 10.42 0.73 -11.01
C GLY A 237 10.58 2.23 -11.15
N VAL A 238 10.08 2.94 -10.12
CA VAL A 238 10.14 4.39 -10.08
C VAL A 238 11.56 4.88 -9.83
N GLY A 239 11.97 5.86 -10.62
CA GLY A 239 13.31 6.43 -10.47
C GLY A 239 13.22 7.92 -10.70
N ASP A 240 14.37 8.58 -10.80
CA ASP A 240 14.34 10.01 -11.03
C ASP A 240 14.27 10.34 -12.51
N ALA A 241 13.66 11.47 -12.82
CA ALA A 241 13.52 11.91 -14.19
C ALA A 241 14.88 12.37 -14.72
N LYS A 242 15.17 12.00 -15.96
CA LYS A 242 16.43 12.35 -16.58
C LYS A 242 16.20 13.01 -17.94
N ASP A 243 17.12 13.87 -18.35
CA ASP A 243 17.01 14.52 -19.64
C ASP A 243 17.86 13.73 -20.63
N PRO B 3 -12.01 -21.68 -0.81
N PRO B 3 -12.20 -21.75 0.06
CA PRO B 3 -12.24 -20.47 -1.63
CA PRO B 3 -11.82 -21.27 -1.29
C PRO B 3 -10.92 -19.70 -1.78
C PRO B 3 -10.42 -20.67 -1.30
N THR B 4 -9.97 -20.29 -2.49
CA THR B 4 -8.65 -19.70 -2.70
C THR B 4 -8.69 -18.31 -3.31
N LEU B 5 -9.73 -18.04 -4.09
CA LEU B 5 -9.87 -16.74 -4.75
C LEU B 5 -10.13 -15.55 -3.83
N LEU B 6 -10.64 -15.79 -2.63
CA LEU B 6 -10.95 -14.70 -1.72
C LEU B 6 -9.92 -14.42 -0.63
N GLY B 7 -8.81 -15.15 -0.64
CA GLY B 7 -7.79 -14.93 0.37
C GLY B 7 -6.51 -14.37 -0.25
N PHE B 8 -5.42 -14.37 0.51
CA PHE B 8 -4.14 -13.88 0.02
C PHE B 8 -3.21 -14.99 -0.44
N HIS B 9 -2.35 -14.66 -1.41
CA HIS B 9 -1.34 -15.57 -1.93
C HIS B 9 -0.05 -14.77 -2.01
N THR B 10 1.09 -15.43 -1.92
CA THR B 10 2.34 -14.70 -2.05
C THR B 10 2.42 -14.34 -3.53
N ALA B 11 3.30 -13.43 -3.90
CA ALA B 11 3.43 -13.05 -5.30
C ALA B 11 3.96 -14.23 -6.12
N SER B 12 4.47 -15.25 -5.42
CA SER B 12 5.00 -16.44 -6.07
C SER B 12 3.92 -17.52 -6.22
N GLY B 13 2.70 -17.19 -5.81
CA GLY B 13 1.58 -18.12 -5.95
C GLY B 13 1.28 -19.04 -4.78
N LYS B 14 1.95 -18.84 -3.66
CA LYS B 14 1.73 -19.68 -2.48
C LYS B 14 0.61 -19.16 -1.59
N LYS B 15 -0.33 -20.04 -1.24
CA LYS B 15 -1.44 -19.64 -0.37
C LYS B 15 -0.86 -19.18 0.96
N VAL B 16 -1.43 -18.12 1.54
CA VAL B 16 -0.96 -17.63 2.82
C VAL B 16 -1.84 -18.22 3.91
N LYS B 17 -1.25 -18.98 4.81
CA LYS B 17 -2.00 -19.60 5.90
C LYS B 17 -2.13 -18.66 7.10
N ILE B 18 -3.32 -18.65 7.68
CA ILE B 18 -3.61 -17.80 8.84
C ILE B 18 -4.15 -18.70 9.96
N ALA B 19 -3.47 -18.71 11.10
CA ALA B 19 -3.91 -19.52 12.24
C ALA B 19 -5.24 -19.00 12.76
N LYS B 20 -6.15 -19.92 13.08
CA LYS B 20 -7.46 -19.54 13.59
C LYS B 20 -7.35 -18.65 14.82
N GLU B 21 -6.32 -18.89 15.64
CA GLU B 21 -6.11 -18.10 16.84
C GLU B 21 -5.80 -16.65 16.45
N SER B 22 -5.05 -16.47 15.38
CA SER B 22 -4.70 -15.13 14.91
C SER B 22 -5.93 -14.30 14.55
N LEU B 23 -6.87 -14.94 13.86
CA LEU B 23 -8.11 -14.27 13.47
C LEU B 23 -8.93 -13.95 14.72
N ASP B 24 -8.92 -14.88 15.67
CA ASP B 24 -9.67 -14.69 16.91
C ASP B 24 -9.08 -13.53 17.71
N LYS B 25 -7.76 -13.41 17.70
CA LYS B 25 -7.08 -12.35 18.44
C LYS B 25 -7.40 -10.94 17.96
N VAL B 26 -7.69 -10.81 16.66
CA VAL B 26 -8.01 -9.49 16.09
C VAL B 26 -9.50 -9.28 15.85
N LYS B 27 -10.32 -10.22 16.31
CA LYS B 27 -11.77 -10.15 16.12
C LYS B 27 -12.42 -8.81 16.47
N ASN B 28 -11.91 -8.13 17.50
CA ASN B 28 -12.48 -6.85 17.92
C ASN B 28 -11.65 -5.62 17.56
N LEU B 29 -10.58 -5.82 16.80
CA LEU B 29 -9.71 -4.70 16.43
C LEU B 29 -10.39 -3.50 15.81
N PHE B 30 -11.40 -3.74 14.99
CA PHE B 30 -12.08 -2.65 14.30
C PHE B 30 -13.31 -2.09 15.00
N ASP B 31 -13.59 -2.56 16.21
CA ASP B 31 -14.75 -2.05 16.92
C ASP B 31 -14.49 -0.60 17.29
N GLU B 32 -15.56 0.20 17.25
CA GLU B 32 -15.47 1.60 17.61
C GLU B 32 -16.40 1.75 18.79
N LYS B 33 -16.07 1.03 19.85
CA LYS B 33 -16.83 1.02 21.09
C LYS B 33 -16.69 2.35 21.79
N GLU B 34 -17.73 2.76 22.50
CA GLU B 34 -17.69 4.01 23.23
C GLU B 34 -16.68 3.84 24.35
N GLN B 35 -15.87 4.87 24.56
CA GLN B 35 -14.84 4.86 25.57
C GLN B 35 -15.27 5.64 26.80
N THR C 10 -14.44 5.61 27.85
CA THR C 10 -14.73 6.36 29.06
C THR C 10 -14.21 7.77 28.84
N GLY C 11 -15.11 8.74 28.87
CA GLY C 11 -14.70 10.12 28.65
C GLY C 11 -14.67 10.94 29.92
N SER C 12 -13.76 11.90 29.97
CA SER C 12 -13.64 12.78 31.14
C SER C 12 -13.11 14.15 30.72
N GLY D 1 -7.85 -38.07 2.61
CA GLY D 1 -9.26 -37.93 3.07
C GLY D 1 -10.05 -36.94 2.24
N SER D 2 -11.33 -36.78 2.57
CA SER D 2 -12.21 -35.88 1.83
C SER D 2 -12.39 -34.51 2.47
N GLY D 4 -12.29 -30.77 3.24
CA GLY D 4 -12.04 -29.66 2.33
C GLY D 4 -10.81 -28.86 2.71
#